data_6JVS
#
_entry.id   6JVS
#
_cell.length_a   59.122
_cell.length_b   68.371
_cell.length_c   79.375
_cell.angle_alpha   90.000
_cell.angle_beta   90.000
_cell.angle_gamma   90.000
#
_symmetry.space_group_name_H-M   'P 21 21 21'
#
loop_
_entity.id
_entity.type
_entity.pdbx_description
1 polymer '7,8-dihydro-8-oxoguanine triphosphatase'
2 non-polymer N4-cyclopropyl-6-[4-(oxetan-3-yl)piperazin-1-yl]pyrimidine-2,4-diamine
3 water water
#
_entity_poly.entity_id   1
_entity_poly.type   'polypeptide(L)'
_entity_poly.pdbx_seq_one_letter_code
;MGASRLYTLVLVLQPQRVLLGMKKRGFGAGRWNGFGGKVQEGETIEDGARRELQEESGLTVDALHKVGQIVFEFVGEPEL
MDVHVFCTDSIQGTPVESDEMRPCWFQLDQIPFKDMWPDDSYWFPLLLQKKKFHGYFKFQGQDTILDYTLREVDTV
;
_entity_poly.pdbx_strand_id   A,B
#
loop_
_chem_comp.id
_chem_comp.type
_chem_comp.name
_chem_comp.formula
CJL non-polymer N4-cyclopropyl-6-[4-(oxetan-3-yl)piperazin-1-yl]pyrimidine-2,4-diamine 'C14 H22 N6 O'
#
# COMPACT_ATOMS: atom_id res chain seq x y z
N ALA A 3 8.53 -16.94 -8.48
CA ALA A 3 8.74 -18.02 -7.52
C ALA A 3 9.00 -17.43 -6.12
N SER A 4 8.45 -18.07 -5.10
CA SER A 4 8.46 -17.54 -3.75
C SER A 4 8.51 -18.70 -2.77
N ARG A 5 8.99 -18.42 -1.56
CA ARG A 5 9.06 -19.41 -0.52
C ARG A 5 8.04 -19.05 0.56
N LEU A 6 7.40 -20.07 1.13
CA LEU A 6 6.33 -19.87 2.10
C LEU A 6 6.89 -19.75 3.51
N TYR A 7 6.45 -18.73 4.26
CA TYR A 7 6.75 -18.56 5.66
C TYR A 7 5.46 -18.26 6.42
N THR A 8 5.52 -18.44 7.74
CA THR A 8 4.42 -18.15 8.65
C THR A 8 4.86 -17.13 9.68
N LEU A 9 3.88 -16.47 10.27
CA LEU A 9 4.10 -15.51 11.33
C LEU A 9 2.84 -15.53 12.17
N VAL A 10 2.99 -15.73 13.47
CA VAL A 10 1.86 -15.89 14.37
C VAL A 10 1.93 -14.83 15.46
N LEU A 11 0.85 -14.06 15.61
CA LEU A 11 0.74 -13.04 16.63
C LEU A 11 -0.34 -13.46 17.61
N VAL A 12 0.05 -13.67 18.86
CA VAL A 12 -0.90 -13.91 19.93
C VAL A 12 -1.30 -12.53 20.43
N LEU A 13 -2.46 -12.07 20.02
CA LEU A 13 -2.93 -10.72 20.29
C LEU A 13 -4.16 -10.83 21.16
N GLN A 14 -4.13 -10.18 22.31
CA GLN A 14 -5.21 -10.24 23.28
C GLN A 14 -5.73 -8.83 23.50
N PRO A 15 -6.85 -8.64 24.23
CA PRO A 15 -7.37 -7.27 24.44
C PRO A 15 -6.35 -6.21 24.84
N GLN A 16 -5.50 -6.50 25.83
CA GLN A 16 -4.56 -5.50 26.35
C GLN A 16 -3.10 -5.80 26.04
N ARG A 17 -2.77 -6.92 25.41
CA ARG A 17 -1.37 -7.31 25.28
C ARG A 17 -1.16 -8.13 24.01
N VAL A 18 0.09 -8.12 23.53
CA VAL A 18 0.53 -8.92 22.39
C VAL A 18 1.79 -9.67 22.80
N LEU A 19 1.91 -10.92 22.36
CA LEU A 19 3.08 -11.74 22.68
C LEU A 19 4.12 -11.60 21.59
N LEU A 20 5.33 -11.21 21.97
CA LEU A 20 6.41 -11.13 21.01
C LEU A 20 7.59 -11.95 21.53
N GLY A 21 8.45 -12.34 20.61
CA GLY A 21 9.64 -13.13 20.97
C GLY A 21 10.87 -12.46 20.44
N MET A 22 11.91 -12.41 21.28
CA MET A 22 13.22 -11.89 20.90
C MET A 22 13.98 -13.00 20.20
N LYS A 23 14.27 -12.81 18.90
CA LYS A 23 14.96 -13.83 18.13
C LYS A 23 16.42 -13.92 18.57
N LYS A 24 16.83 -15.12 18.98
CA LYS A 24 18.11 -15.30 19.64
C LYS A 24 19.22 -15.72 18.69
N ARG A 25 18.89 -16.14 17.47
CA ARG A 25 19.90 -16.59 16.53
C ARG A 25 19.24 -16.69 15.17
N GLY A 26 20.07 -16.91 14.15
CA GLY A 26 19.56 -17.00 12.79
C GLY A 26 19.06 -15.68 12.21
N PHE A 27 18.25 -15.82 11.17
CA PHE A 27 17.69 -14.71 10.43
C PHE A 27 16.81 -13.83 11.33
N GLY A 28 17.15 -12.54 11.42
CA GLY A 28 16.42 -11.60 12.24
C GLY A 28 16.76 -11.63 13.72
N ALA A 29 17.90 -12.23 14.09
CA ALA A 29 18.34 -12.23 15.47
C ALA A 29 18.49 -10.80 16.00
N GLY A 30 18.08 -10.61 17.25
CA GLY A 30 18.12 -9.32 17.89
C GLY A 30 16.90 -8.46 17.67
N ARG A 31 15.86 -8.98 17.03
CA ARG A 31 14.62 -8.26 16.79
C ARG A 31 13.46 -9.03 17.41
N TRP A 32 12.51 -8.29 18.00
CA TRP A 32 11.24 -8.85 18.42
C TRP A 32 10.35 -9.12 17.21
N ASN A 33 9.62 -10.23 17.24
CA ASN A 33 8.74 -10.62 16.15
C ASN A 33 7.71 -11.59 16.72
N GLY A 34 6.67 -11.85 15.94
CA GLY A 34 5.82 -12.99 16.20
C GLY A 34 6.58 -14.29 15.91
N PHE A 35 5.89 -15.42 16.08
CA PHE A 35 6.53 -16.73 15.95
C PHE A 35 6.25 -17.33 14.58
N GLY A 36 7.24 -18.00 14.01
CA GLY A 36 7.04 -18.58 12.69
C GLY A 36 8.35 -19.01 12.05
N GLY A 37 8.24 -19.32 10.76
CA GLY A 37 9.41 -19.79 10.03
C GLY A 37 9.00 -20.36 8.70
N LYS A 38 9.93 -21.10 8.10
CA LYS A 38 9.67 -21.72 6.81
C LYS A 38 8.59 -22.78 6.92
N VAL A 39 7.76 -22.88 5.89
CA VAL A 39 6.81 -23.97 5.77
C VAL A 39 7.52 -25.15 5.11
N GLN A 40 7.36 -26.33 5.69
CA GLN A 40 8.01 -27.53 5.19
C GLN A 40 7.15 -28.25 4.17
N GLU A 41 7.80 -29.12 3.39
CA GLU A 41 7.07 -30.05 2.54
C GLU A 41 6.26 -31.02 3.39
N GLY A 42 5.05 -31.33 2.94
CA GLY A 42 4.25 -32.27 3.67
C GLY A 42 3.35 -31.68 4.74
N GLU A 43 3.41 -30.36 4.97
CA GLU A 43 2.57 -29.74 5.97
C GLU A 43 1.85 -28.54 5.37
N THR A 44 0.61 -28.30 5.81
CA THR A 44 -0.09 -27.10 5.40
C THR A 44 0.59 -25.87 6.02
N ILE A 45 0.23 -24.70 5.49
CA ILE A 45 0.79 -23.45 6.01
C ILE A 45 0.40 -23.29 7.48
N GLU A 46 -0.87 -23.56 7.80
CA GLU A 46 -1.31 -23.46 9.19
C GLU A 46 -0.66 -24.53 10.08
N ASP A 47 -0.49 -25.76 9.55
CA ASP A 47 0.31 -26.75 10.25
C ASP A 47 1.68 -26.18 10.60
N GLY A 48 2.32 -25.51 9.63
CA GLY A 48 3.65 -24.98 9.86
C GLY A 48 3.65 -23.87 10.90
N ALA A 49 2.61 -23.01 10.87
CA ALA A 49 2.48 -21.97 11.88
C ALA A 49 2.35 -22.58 13.29
N ARG A 50 1.49 -23.59 13.42
CA ARG A 50 1.33 -24.25 14.71
C ARG A 50 2.64 -24.87 15.18
N ARG A 51 3.34 -25.54 14.26
CA ARG A 51 4.61 -26.18 14.57
C ARG A 51 5.63 -25.16 15.06
N GLU A 52 5.80 -24.06 14.33
CA GLU A 52 6.81 -23.09 14.74
C GLU A 52 6.41 -22.42 16.04
N LEU A 53 5.11 -22.18 16.24
CA LEU A 53 4.66 -21.60 17.50
C LEU A 53 5.04 -22.49 18.67
N GLN A 54 4.73 -23.77 18.56
CA GLN A 54 5.05 -24.72 19.63
C GLN A 54 6.56 -24.87 19.82
N GLU A 55 7.31 -24.94 18.72
CA GLU A 55 8.77 -25.10 18.81
C GLU A 55 9.41 -23.90 19.49
N GLU A 56 8.92 -22.70 19.19
CA GLU A 56 9.57 -21.47 19.64
C GLU A 56 9.07 -20.95 20.99
N SER A 57 7.84 -21.30 21.39
CA SER A 57 7.22 -20.84 22.63
C SER A 57 6.71 -21.96 23.52
N GLY A 58 6.48 -23.16 22.99
CA GLY A 58 5.77 -24.19 23.71
C GLY A 58 4.25 -24.09 23.66
N LEU A 59 3.72 -23.04 23.03
CA LEU A 59 2.28 -22.82 23.00
C LEU A 59 1.62 -23.65 21.91
N THR A 60 0.40 -24.08 22.20
CA THR A 60 -0.52 -24.65 21.23
C THR A 60 -1.77 -23.78 21.24
N VAL A 61 -2.56 -23.85 20.18
CA VAL A 61 -3.72 -22.98 20.05
C VAL A 61 -4.90 -23.79 19.56
N ASP A 62 -6.10 -23.34 19.93
CA ASP A 62 -7.31 -23.97 19.43
C ASP A 62 -7.53 -23.63 17.95
N ALA A 63 -7.50 -22.33 17.62
CA ALA A 63 -7.79 -21.87 16.28
C ALA A 63 -6.86 -20.73 15.93
N LEU A 64 -6.30 -20.78 14.72
CA LEU A 64 -5.50 -19.71 14.13
C LEU A 64 -6.32 -19.02 13.04
N HIS A 65 -6.31 -17.70 13.04
CA HIS A 65 -7.06 -16.91 12.06
C HIS A 65 -6.08 -16.25 11.09
N LYS A 66 -6.37 -16.40 9.80
CA LYS A 66 -5.61 -15.70 8.76
C LYS A 66 -5.92 -14.20 8.84
N VAL A 67 -4.88 -13.38 9.04
CA VAL A 67 -5.09 -11.94 9.05
C VAL A 67 -4.28 -11.21 7.99
N GLY A 68 -3.25 -11.82 7.39
CA GLY A 68 -2.56 -11.04 6.37
C GLY A 68 -1.62 -11.89 5.54
N GLN A 69 -1.16 -11.29 4.46
CA GLN A 69 -0.10 -11.84 3.64
C GLN A 69 0.84 -10.71 3.26
N ILE A 70 2.15 -10.93 3.44
CA ILE A 70 3.16 -9.95 3.09
C ILE A 70 4.20 -10.61 2.22
N VAL A 71 4.44 -10.04 1.04
CA VAL A 71 5.48 -10.50 0.13
C VAL A 71 6.67 -9.57 0.26
N PHE A 72 7.86 -10.16 0.42
CA PHE A 72 9.10 -9.41 0.51
C PHE A 72 10.00 -9.77 -0.64
N GLU A 73 10.59 -8.75 -1.24
CA GLU A 73 11.71 -8.90 -2.16
C GLU A 73 12.95 -8.31 -1.52
N PHE A 74 14.06 -9.04 -1.62
CA PHE A 74 15.40 -8.56 -1.26
C PHE A 74 16.20 -8.37 -2.53
N VAL A 75 16.77 -7.18 -2.71
CA VAL A 75 17.58 -6.88 -3.88
C VAL A 75 18.63 -7.97 -4.05
N GLY A 76 18.78 -8.48 -5.27
CA GLY A 76 19.77 -9.49 -5.57
C GLY A 76 19.38 -10.90 -5.20
N GLU A 77 18.28 -11.11 -4.47
CA GLU A 77 17.86 -12.45 -4.06
C GLU A 77 16.73 -12.94 -4.96
N PRO A 78 16.89 -14.06 -5.67
CA PRO A 78 15.88 -14.46 -6.65
C PRO A 78 14.55 -14.91 -6.04
N GLU A 79 14.53 -15.41 -4.81
CA GLU A 79 13.29 -15.94 -4.26
C GLU A 79 12.56 -14.88 -3.45
N LEU A 80 11.28 -14.69 -3.75
CA LEU A 80 10.44 -13.82 -2.93
C LEU A 80 10.07 -14.55 -1.64
N MET A 81 9.92 -13.80 -0.55
CA MET A 81 9.46 -14.36 0.72
C MET A 81 7.95 -14.10 0.85
N ASP A 82 7.16 -15.15 0.94
CA ASP A 82 5.70 -15.04 1.02
C ASP A 82 5.26 -15.39 2.44
N VAL A 83 5.04 -14.39 3.29
CA VAL A 83 4.75 -14.61 4.70
C VAL A 83 3.24 -14.55 4.92
N HIS A 84 2.67 -15.66 5.39
CA HIS A 84 1.28 -15.72 5.80
C HIS A 84 1.19 -15.42 7.30
N VAL A 85 0.42 -14.40 7.65
CA VAL A 85 0.34 -13.88 9.01
C VAL A 85 -0.96 -14.34 9.62
N PHE A 86 -0.87 -14.87 10.85
CA PHE A 86 -1.96 -15.45 11.59
C PHE A 86 -2.09 -14.79 12.95
N CYS A 87 -3.31 -14.76 13.46
CA CYS A 87 -3.60 -14.25 14.78
C CYS A 87 -4.39 -15.27 15.58
N THR A 88 -4.15 -15.27 16.88
CA THR A 88 -5.03 -15.99 17.81
C THR A 88 -5.16 -15.16 19.07
N ASP A 89 -6.25 -15.38 19.80
CA ASP A 89 -6.38 -14.68 21.07
C ASP A 89 -6.04 -15.63 22.22
N SER A 90 -6.90 -16.58 22.48
CA SER A 90 -6.65 -17.52 23.54
C SER A 90 -5.70 -18.64 23.06
N ILE A 91 -4.72 -18.97 23.92
CA ILE A 91 -3.64 -19.92 23.71
C ILE A 91 -3.71 -20.99 24.80
N GLN A 92 -3.02 -22.11 24.56
CA GLN A 92 -2.90 -23.19 25.54
C GLN A 92 -1.47 -23.24 26.06
N GLY A 93 -1.30 -23.00 27.36
CA GLY A 93 -0.01 -23.05 28.02
C GLY A 93 0.49 -21.67 28.37
N THR A 94 1.62 -21.65 29.05
CA THR A 94 2.35 -20.43 29.36
C THR A 94 3.55 -20.35 28.43
N PRO A 95 3.82 -19.20 27.81
CA PRO A 95 4.96 -19.15 26.87
C PRO A 95 6.27 -19.24 27.63
N VAL A 96 7.20 -20.03 27.10
CA VAL A 96 8.53 -20.20 27.70
C VAL A 96 9.59 -20.09 26.62
N GLU A 97 10.80 -19.78 27.07
CA GLU A 97 11.91 -19.49 26.18
C GLU A 97 12.37 -20.76 25.46
N SER A 98 12.71 -20.63 24.19
CA SER A 98 13.31 -21.70 23.40
C SER A 98 14.72 -21.29 23.00
N ASP A 99 15.37 -22.15 22.21
CA ASP A 99 16.68 -21.78 21.68
C ASP A 99 16.57 -20.67 20.64
N GLU A 100 15.40 -20.51 20.02
CA GLU A 100 15.23 -19.49 19.00
C GLU A 100 14.56 -18.21 19.50
N MET A 101 13.76 -18.26 20.55
CA MET A 101 12.92 -17.11 20.90
C MET A 101 12.82 -16.93 22.42
N ARG A 102 12.90 -15.66 22.85
CA ARG A 102 12.64 -15.32 24.26
C ARG A 102 11.33 -14.53 24.36
N PRO A 103 10.25 -15.12 24.85
CA PRO A 103 8.93 -14.47 24.78
C PRO A 103 8.66 -13.50 25.91
N CYS A 104 7.98 -12.41 25.56
CA CYS A 104 7.49 -11.43 26.51
C CYS A 104 6.16 -10.85 26.03
N TRP A 105 5.30 -10.51 26.98
CA TRP A 105 4.07 -9.79 26.67
C TRP A 105 4.35 -8.30 26.63
N PHE A 106 3.76 -7.61 25.66
CA PHE A 106 3.89 -6.18 25.49
C PHE A 106 2.50 -5.54 25.54
N GLN A 107 2.36 -4.46 26.32
CA GLN A 107 1.12 -3.68 26.22
C GLN A 107 1.03 -3.09 24.82
N LEU A 108 -0.20 -2.91 24.34
CA LEU A 108 -0.41 -2.50 22.96
C LEU A 108 0.11 -1.10 22.65
N ASP A 109 0.32 -0.26 23.65
CA ASP A 109 0.96 1.04 23.42
C ASP A 109 2.45 1.02 23.72
N GLN A 110 3.03 -0.15 23.89
CA GLN A 110 4.46 -0.27 24.13
C GLN A 110 5.07 -1.30 23.19
N ILE A 111 4.55 -1.38 21.98
CA ILE A 111 5.13 -2.25 20.96
C ILE A 111 6.49 -1.73 20.54
N PRO A 112 7.59 -2.54 20.67
CA PRO A 112 8.95 -1.98 20.46
C PRO A 112 9.33 -1.92 18.98
N PHE A 113 8.64 -1.06 18.22
CA PHE A 113 8.83 -1.01 16.77
C PHE A 113 10.27 -0.74 16.38
N LYS A 114 11.01 -0.02 17.23
CA LYS A 114 12.41 0.29 16.98
C LYS A 114 13.28 -0.98 16.93
N ASP A 115 12.90 -2.02 17.67
CA ASP A 115 13.64 -3.27 17.72
C ASP A 115 12.89 -4.41 17.02
N MET A 116 12.10 -4.07 16.00
CA MET A 116 11.39 -5.04 15.16
C MET A 116 11.78 -4.85 13.70
N TRP A 117 11.38 -5.79 12.83
CA TRP A 117 11.57 -5.57 11.40
C TRP A 117 10.93 -4.23 11.00
N PRO A 118 11.54 -3.46 10.11
CA PRO A 118 11.00 -2.11 9.80
C PRO A 118 9.58 -2.16 9.24
N ASP A 119 9.26 -3.19 8.45
CA ASP A 119 7.92 -3.27 7.85
C ASP A 119 6.82 -3.33 8.90
N ASP A 120 7.12 -3.84 10.11
CA ASP A 120 6.07 -4.00 11.11
C ASP A 120 5.39 -2.66 11.41
N SER A 121 6.20 -1.58 11.46
CA SER A 121 5.63 -0.27 11.73
C SER A 121 4.54 0.09 10.72
N TYR A 122 4.63 -0.47 9.52
CA TYR A 122 3.63 -0.17 8.49
C TYR A 122 2.37 -1.01 8.66
N TRP A 123 2.50 -2.30 8.96
CA TRP A 123 1.29 -3.13 8.90
C TRP A 123 0.71 -3.53 10.25
N PHE A 124 1.48 -3.44 11.34
CA PHE A 124 0.93 -3.72 12.65
C PHE A 124 -0.33 -2.93 13.00
N PRO A 125 -0.45 -1.63 12.65
CA PRO A 125 -1.73 -0.94 12.94
C PRO A 125 -2.92 -1.68 12.38
N LEU A 126 -2.84 -2.17 11.14
CA LEU A 126 -3.95 -2.94 10.57
C LEU A 126 -4.19 -4.22 11.35
N LEU A 127 -3.12 -4.91 11.76
CA LEU A 127 -3.27 -6.05 12.66
C LEU A 127 -4.04 -5.63 13.91
N LEU A 128 -3.68 -4.48 14.49
CA LEU A 128 -4.30 -4.09 15.75
C LEU A 128 -5.77 -3.72 15.57
N GLN A 129 -6.15 -3.22 14.39
CA GLN A 129 -7.55 -2.95 14.08
C GLN A 129 -8.29 -4.19 13.62
N LYS A 130 -7.65 -5.36 13.65
CA LYS A 130 -8.25 -6.59 13.14
C LYS A 130 -8.79 -6.39 11.72
N LYS A 131 -8.03 -5.65 10.92
CA LYS A 131 -8.26 -5.53 9.49
C LYS A 131 -7.36 -6.54 8.78
N LYS A 132 -7.91 -7.23 7.78
CA LYS A 132 -7.10 -8.13 6.97
C LYS A 132 -6.41 -7.34 5.86
N PHE A 133 -5.15 -7.71 5.55
CA PHE A 133 -4.28 -6.89 4.69
C PHE A 133 -3.41 -7.74 3.77
N HIS A 134 -3.02 -7.12 2.65
CA HIS A 134 -1.96 -7.60 1.77
C HIS A 134 -0.88 -6.53 1.73
N GLY A 135 0.37 -6.98 1.89
CA GLY A 135 1.50 -6.08 1.89
C GLY A 135 2.58 -6.58 0.95
N TYR A 136 3.35 -5.63 0.43
CA TYR A 136 4.54 -5.92 -0.37
C TYR A 136 5.63 -4.96 0.08
N PHE A 137 6.82 -5.48 0.36
CA PHE A 137 7.94 -4.65 0.77
C PHE A 137 9.19 -5.07 0.00
N LYS A 138 9.90 -4.09 -0.56
CA LYS A 138 11.17 -4.31 -1.22
C LYS A 138 12.28 -3.82 -0.30
N PHE A 139 13.16 -4.72 0.13
CA PHE A 139 14.24 -4.41 1.06
C PHE A 139 15.58 -4.37 0.34
N GLN A 140 16.43 -3.41 0.72
CA GLN A 140 17.85 -3.47 0.41
C GLN A 140 18.55 -3.94 1.69
N GLY A 141 19.05 -5.18 1.69
CA GLY A 141 19.54 -5.70 2.96
C GLY A 141 18.40 -5.88 3.95
N GLN A 142 18.75 -5.81 5.23
CA GLN A 142 17.78 -6.09 6.28
C GLN A 142 17.17 -4.84 6.90
N ASP A 143 17.69 -3.64 6.60
CA ASP A 143 17.25 -2.45 7.32
C ASP A 143 16.51 -1.41 6.46
N THR A 144 16.58 -1.49 5.14
CA THR A 144 16.16 -0.40 4.27
C THR A 144 14.99 -0.83 3.40
N ILE A 145 13.83 -0.20 3.60
CA ILE A 145 12.68 -0.42 2.74
C ILE A 145 12.78 0.54 1.56
N LEU A 146 12.92 0.00 0.36
CA LEU A 146 13.00 0.79 -0.86
C LEU A 146 11.64 1.11 -1.45
N ASP A 147 10.69 0.17 -1.42
CA ASP A 147 9.36 0.37 -1.95
C ASP A 147 8.39 -0.46 -1.13
N TYR A 148 7.11 -0.08 -1.16
CA TYR A 148 6.12 -0.91 -0.48
C TYR A 148 4.72 -0.53 -0.95
N THR A 149 3.83 -1.51 -0.84
CA THR A 149 2.41 -1.34 -1.02
C THR A 149 1.71 -1.99 0.15
N LEU A 150 0.56 -1.44 0.54
CA LEU A 150 -0.23 -2.00 1.63
C LEU A 150 -1.71 -1.68 1.43
N ARG A 151 -2.56 -2.69 1.62
CA ARG A 151 -3.99 -2.49 1.44
C ARG A 151 -4.77 -3.50 2.28
N GLU A 152 -5.94 -3.07 2.78
CA GLU A 152 -6.95 -4.02 3.27
C GLU A 152 -7.58 -4.85 2.17
N VAL A 153 -7.89 -6.12 2.49
CA VAL A 153 -8.48 -7.09 1.59
C VAL A 153 -9.68 -7.74 2.29
N ASP A 154 -10.52 -8.39 1.50
CA ASP A 154 -11.66 -9.13 2.04
C ASP A 154 -11.30 -10.58 2.35
N THR A 155 -10.48 -11.19 1.50
CA THR A 155 -9.95 -12.52 1.70
C THR A 155 -8.43 -12.42 1.76
N VAL A 156 -7.83 -13.04 2.76
CA VAL A 156 -6.38 -12.99 2.92
C VAL A 156 -5.72 -13.86 1.86
N GLY B 2 9.15 18.56 2.31
CA GLY B 2 9.78 19.48 1.37
C GLY B 2 8.81 20.39 0.65
N ALA B 3 9.35 21.38 -0.07
CA ALA B 3 8.51 22.29 -0.82
C ALA B 3 7.77 21.56 -1.93
N SER B 4 6.49 21.91 -2.11
CA SER B 4 5.65 21.20 -3.07
C SER B 4 4.59 22.16 -3.59
N ARG B 5 4.10 21.86 -4.79
CA ARG B 5 3.04 22.59 -5.45
C ARG B 5 1.81 21.69 -5.59
N LEU B 6 0.63 22.27 -5.45
CA LEU B 6 -0.62 21.53 -5.45
C LEU B 6 -1.14 21.37 -6.88
N TYR B 7 -1.56 20.15 -7.23
CA TYR B 7 -2.22 19.88 -8.50
C TYR B 7 -3.47 19.07 -8.24
N THR B 8 -4.36 19.06 -9.24
CA THR B 8 -5.59 18.29 -9.18
C THR B 8 -5.60 17.26 -10.29
N LEU B 9 -6.39 16.22 -10.07
CA LEU B 9 -6.57 15.15 -11.05
C LEU B 9 -7.96 14.59 -10.84
N VAL B 10 -8.78 14.61 -11.89
CA VAL B 10 -10.18 14.24 -11.77
C VAL B 10 -10.45 13.09 -12.72
N LEU B 11 -10.96 12.00 -12.18
CA LEU B 11 -11.31 10.82 -12.95
C LEU B 11 -12.82 10.69 -12.91
N VAL B 12 -13.45 10.78 -14.08
CA VAL B 12 -14.87 10.53 -14.21
C VAL B 12 -15.01 9.03 -14.47
N LEU B 13 -15.43 8.29 -13.45
CA LEU B 13 -15.46 6.83 -13.51
C LEU B 13 -16.88 6.28 -13.42
N VAL B 18 -14.52 4.87 -18.23
CA VAL B 18 -13.85 6.02 -17.57
C VAL B 18 -13.47 7.08 -18.59
N LEU B 19 -13.61 8.35 -18.22
CA LEU B 19 -13.30 9.44 -19.12
C LEU B 19 -11.83 9.79 -18.96
N LEU B 20 -11.10 9.82 -20.06
CA LEU B 20 -9.71 10.26 -20.03
C LEU B 20 -9.55 11.35 -21.08
N GLY B 21 -8.47 12.10 -20.97
CA GLY B 21 -8.19 13.15 -21.93
C GLY B 21 -6.82 12.99 -22.52
N MET B 22 -6.72 13.13 -23.83
CA MET B 22 -5.44 13.15 -24.52
C MET B 22 -4.92 14.57 -24.44
N LYS B 23 -3.82 14.74 -23.72
CA LYS B 23 -3.16 16.04 -23.55
C LYS B 23 -2.49 16.44 -24.85
N LYS B 24 -2.73 17.67 -25.30
CA LYS B 24 -2.28 18.07 -26.62
C LYS B 24 -0.90 18.74 -26.64
N ARG B 25 -0.38 19.19 -25.48
CA ARG B 25 0.98 19.71 -25.36
C ARG B 25 1.23 20.07 -23.89
N GLY B 26 2.45 20.57 -23.64
CA GLY B 26 2.88 20.85 -22.29
C GLY B 26 3.25 19.56 -21.60
N PHE B 27 3.24 19.62 -20.28
CA PHE B 27 3.61 18.49 -19.46
C PHE B 27 2.70 17.29 -19.75
N GLY B 28 3.31 16.18 -20.13
CA GLY B 28 2.52 14.98 -20.39
C GLY B 28 1.84 14.96 -21.73
N ALA B 29 2.29 15.78 -22.68
CA ALA B 29 1.74 15.77 -24.02
C ALA B 29 1.86 14.38 -24.64
N GLY B 30 0.81 13.97 -25.34
CA GLY B 30 0.79 12.69 -26.00
C GLY B 30 0.36 11.54 -25.11
N ARG B 31 -0.03 11.82 -23.88
CA ARG B 31 -0.45 10.81 -22.91
C ARG B 31 -1.90 11.06 -22.54
N TRP B 32 -2.63 9.95 -22.35
CA TRP B 32 -3.96 9.99 -21.75
C TRP B 32 -3.86 10.20 -20.25
N ASN B 33 -4.76 11.03 -19.71
CA ASN B 33 -4.77 11.27 -18.28
C ASN B 33 -6.16 11.75 -17.89
N GLY B 34 -6.40 11.78 -16.58
CA GLY B 34 -7.53 12.50 -16.07
C GLY B 34 -7.33 13.99 -16.28
N PHE B 35 -8.32 14.75 -15.82
CA PHE B 35 -8.33 16.20 -16.02
C PHE B 35 -7.83 16.87 -14.74
N GLY B 36 -7.12 17.97 -14.89
CA GLY B 36 -6.57 18.64 -13.73
C GLY B 36 -5.48 19.63 -14.11
N GLY B 37 -4.81 20.12 -13.10
CA GLY B 37 -3.78 21.13 -13.31
C GLY B 37 -3.40 21.78 -11.99
N LYS B 38 -2.75 22.94 -12.12
CA LYS B 38 -2.32 23.69 -10.96
C LYS B 38 -3.51 24.24 -10.17
N VAL B 39 -3.35 24.28 -8.85
CA VAL B 39 -4.31 24.94 -7.98
C VAL B 39 -3.91 26.42 -7.83
N GLN B 40 -4.88 27.32 -7.97
CA GLN B 40 -4.57 28.74 -7.89
C GLN B 40 -4.68 29.25 -6.45
N GLU B 41 -3.97 30.34 -6.16
CA GLU B 41 -4.18 31.02 -4.89
C GLU B 41 -5.59 31.63 -4.87
N GLY B 42 -6.27 31.49 -3.73
CA GLY B 42 -7.62 32.00 -3.60
C GLY B 42 -8.74 31.00 -3.91
N GLU B 43 -8.42 29.78 -4.32
CA GLU B 43 -9.43 28.76 -4.60
C GLU B 43 -9.09 27.50 -3.81
N THR B 44 -10.12 26.79 -3.36
CA THR B 44 -9.87 25.51 -2.73
C THR B 44 -9.33 24.51 -3.76
N ILE B 45 -8.79 23.41 -3.25
CA ILE B 45 -8.29 22.35 -4.13
C ILE B 45 -9.44 21.78 -4.96
N GLU B 46 -10.58 21.52 -4.33
CA GLU B 46 -11.72 20.99 -5.08
C GLU B 46 -12.28 22.05 -6.04
N ASP B 47 -12.32 23.31 -5.61
CA ASP B 47 -12.66 24.40 -6.55
C ASP B 47 -11.79 24.30 -7.79
N GLY B 48 -10.48 24.17 -7.60
CA GLY B 48 -9.57 24.11 -8.73
C GLY B 48 -9.80 22.88 -9.60
N ALA B 49 -10.11 21.74 -8.97
CA ALA B 49 -10.40 20.53 -9.73
C ALA B 49 -11.64 20.71 -10.61
N ARG B 50 -12.71 21.26 -10.02
CA ARG B 50 -13.92 21.53 -10.80
C ARG B 50 -13.65 22.52 -11.92
N ARG B 51 -12.89 23.58 -11.62
CA ARG B 51 -12.58 24.58 -12.63
C ARG B 51 -11.86 23.94 -13.81
N GLU B 52 -10.86 23.09 -13.51
CA GLU B 52 -10.11 22.46 -14.59
C GLU B 52 -10.94 21.41 -15.33
N LEU B 53 -11.81 20.69 -14.62
CA LEU B 53 -12.72 19.78 -15.31
C LEU B 53 -13.57 20.53 -16.32
N GLN B 54 -14.16 21.64 -15.90
CA GLN B 54 -14.98 22.44 -16.82
C GLN B 54 -14.13 22.98 -17.97
N GLU B 55 -12.91 23.47 -17.68
CA GLU B 55 -12.06 24.05 -18.72
C GLU B 55 -11.64 23.01 -19.75
N GLU B 56 -11.25 21.82 -19.32
CA GLU B 56 -10.66 20.85 -20.22
C GLU B 56 -11.68 19.92 -20.86
N SER B 57 -12.83 19.72 -20.22
CA SER B 57 -13.85 18.79 -20.67
C SER B 57 -15.18 19.45 -21.00
N GLY B 58 -15.46 20.63 -20.44
CA GLY B 58 -16.77 21.26 -20.48
C GLY B 58 -17.74 20.76 -19.45
N LEU B 59 -17.35 19.77 -18.66
CA LEU B 59 -18.26 19.15 -17.71
C LEU B 59 -18.34 19.92 -16.39
N THR B 60 -19.55 19.91 -15.82
CA THR B 60 -19.78 20.32 -14.45
C THR B 60 -20.38 19.12 -13.74
N VAL B 61 -20.18 19.03 -12.42
CA VAL B 61 -20.59 17.84 -11.67
C VAL B 61 -21.26 18.26 -10.38
N ASP B 62 -22.10 17.36 -9.87
CA ASP B 62 -22.80 17.58 -8.61
C ASP B 62 -21.84 17.49 -7.43
N ALA B 63 -21.07 16.41 -7.34
CA ALA B 63 -20.20 16.15 -6.21
C ALA B 63 -18.89 15.55 -6.68
N LEU B 64 -17.78 16.06 -6.13
CA LEU B 64 -16.46 15.45 -6.28
C LEU B 64 -16.08 14.83 -4.95
N HIS B 65 -15.60 13.59 -4.99
CA HIS B 65 -15.15 12.88 -3.80
C HIS B 65 -13.65 12.74 -3.85
N LYS B 66 -12.99 13.06 -2.75
CA LYS B 66 -11.56 12.83 -2.63
C LYS B 66 -11.28 11.33 -2.64
N VAL B 67 -10.45 10.87 -3.56
CA VAL B 67 -10.06 9.47 -3.58
C VAL B 67 -8.58 9.25 -3.36
N GLY B 68 -7.72 10.25 -3.59
CA GLY B 68 -6.33 9.91 -3.33
C GLY B 68 -5.46 11.15 -3.27
N GLN B 69 -4.24 10.93 -2.83
CA GLN B 69 -3.19 11.92 -2.90
C GLN B 69 -1.93 11.20 -3.35
N ILE B 70 -1.27 11.76 -4.35
CA ILE B 70 -0.03 11.21 -4.90
C ILE B 70 1.01 12.34 -4.93
N VAL B 71 2.15 12.11 -4.30
CA VAL B 71 3.28 13.02 -4.37
C VAL B 71 4.25 12.46 -5.39
N PHE B 72 4.70 13.31 -6.32
CA PHE B 72 5.69 12.93 -7.31
C PHE B 72 6.94 13.75 -7.06
N GLU B 73 8.08 13.07 -7.05
CA GLU B 73 9.38 13.69 -7.04
C GLU B 73 10.07 13.36 -8.35
N PHE B 74 10.61 14.37 -9.01
CA PHE B 74 11.39 14.20 -10.23
C PHE B 74 12.85 14.52 -9.97
N VAL B 75 13.73 13.57 -10.33
CA VAL B 75 15.17 13.78 -10.20
C VAL B 75 15.52 15.11 -10.84
N GLY B 76 16.28 15.94 -10.13
CA GLY B 76 16.70 17.23 -10.63
C GLY B 76 15.69 18.34 -10.49
N GLU B 77 14.43 18.04 -10.13
CA GLU B 77 13.44 19.07 -9.89
C GLU B 77 13.25 19.23 -8.39
N PRO B 78 13.58 20.38 -7.80
CA PRO B 78 13.49 20.52 -6.34
C PRO B 78 12.05 20.54 -5.82
N GLU B 79 11.07 20.93 -6.62
CA GLU B 79 9.68 21.06 -6.17
C GLU B 79 8.90 19.78 -6.44
N LEU B 80 8.27 19.24 -5.40
CA LEU B 80 7.42 18.07 -5.52
C LEU B 80 6.04 18.43 -6.07
N MET B 81 5.43 17.47 -6.75
CA MET B 81 4.06 17.62 -7.24
C MET B 81 3.15 16.94 -6.23
N ASP B 82 2.27 17.70 -5.61
CA ASP B 82 1.34 17.14 -4.62
C ASP B 82 -0.04 17.12 -5.30
N VAL B 83 -0.39 15.95 -5.85
CA VAL B 83 -1.56 15.78 -6.71
C VAL B 83 -2.72 15.21 -5.89
N HIS B 84 -3.79 15.97 -5.79
CA HIS B 84 -5.02 15.50 -5.16
C HIS B 84 -5.93 14.92 -6.23
N VAL B 85 -6.30 13.66 -6.05
CA VAL B 85 -7.07 12.91 -7.04
C VAL B 85 -8.52 12.82 -6.56
N PHE B 86 -9.44 13.12 -7.46
CA PHE B 86 -10.86 13.20 -7.21
C PHE B 86 -11.59 12.27 -8.15
N CYS B 87 -12.72 11.76 -7.69
CA CYS B 87 -13.54 10.91 -8.51
C CYS B 87 -14.96 11.43 -8.54
N THR B 88 -15.61 11.26 -9.69
CA THR B 88 -17.03 11.51 -9.81
C THR B 88 -17.65 10.50 -10.77
N ASP B 89 -18.90 10.14 -10.51
CA ASP B 89 -19.68 9.29 -11.40
C ASP B 89 -20.76 10.12 -12.14
N SER B 90 -21.74 10.63 -11.42
CA SER B 90 -22.78 11.40 -12.08
C SER B 90 -22.21 12.77 -12.45
N ILE B 91 -22.46 13.17 -13.70
CA ILE B 91 -21.96 14.42 -14.24
C ILE B 91 -23.15 15.19 -14.81
N GLN B 92 -22.94 16.48 -15.03
CA GLN B 92 -23.93 17.33 -15.69
C GLN B 92 -23.39 17.67 -17.06
N GLY B 93 -24.06 17.18 -18.09
CA GLY B 93 -23.72 17.45 -19.47
C GLY B 93 -23.02 16.28 -20.15
N THR B 94 -22.74 16.48 -21.43
CA THR B 94 -21.91 15.59 -22.22
C THR B 94 -20.54 16.22 -22.42
N PRO B 95 -19.45 15.49 -22.21
CA PRO B 95 -18.12 16.11 -22.34
C PRO B 95 -17.79 16.43 -23.80
N VAL B 96 -17.11 17.56 -24.00
CA VAL B 96 -16.71 17.98 -25.33
C VAL B 96 -15.25 18.39 -25.31
N GLU B 97 -14.65 18.37 -26.49
CA GLU B 97 -13.22 18.63 -26.61
C GLU B 97 -12.91 20.09 -26.33
N SER B 98 -11.84 20.33 -25.59
CA SER B 98 -11.33 21.67 -25.37
C SER B 98 -10.00 21.82 -26.11
N ASP B 99 -9.39 22.99 -25.98
CA ASP B 99 -8.11 23.20 -26.64
C ASP B 99 -6.96 22.44 -25.99
N GLU B 100 -7.07 22.08 -24.72
CA GLU B 100 -5.97 21.43 -24.04
C GLU B 100 -6.15 19.92 -23.90
N MET B 101 -7.37 19.40 -24.04
CA MET B 101 -7.63 17.98 -23.83
C MET B 101 -8.61 17.48 -24.88
N ARG B 102 -8.35 16.27 -25.35
CA ARG B 102 -9.26 15.61 -26.27
C ARG B 102 -9.89 14.47 -25.47
N PRO B 103 -11.12 14.59 -24.99
CA PRO B 103 -11.66 13.56 -24.08
C PRO B 103 -12.23 12.37 -24.82
N CYS B 104 -12.06 11.19 -24.21
CA CYS B 104 -12.64 9.96 -24.74
C CYS B 104 -13.02 9.02 -23.61
N TRP B 105 -14.09 8.26 -23.82
CA TRP B 105 -14.46 7.21 -22.89
C TRP B 105 -13.71 5.93 -23.23
N PHE B 106 -13.20 5.27 -22.21
CA PHE B 106 -12.49 4.01 -22.38
C PHE B 106 -13.23 2.95 -21.58
N GLN B 107 -13.48 1.80 -22.20
CA GLN B 107 -14.01 0.69 -21.41
C GLN B 107 -13.03 0.35 -20.30
N LEU B 108 -13.57 -0.07 -19.16
CA LEU B 108 -12.70 -0.34 -18.01
C LEU B 108 -11.72 -1.48 -18.28
N ASP B 109 -11.97 -2.30 -19.29
CA ASP B 109 -11.04 -3.36 -19.67
C ASP B 109 -10.13 -2.99 -20.84
N GLN B 110 -10.16 -1.72 -21.27
CA GLN B 110 -9.27 -1.21 -22.30
C GLN B 110 -8.65 0.13 -21.87
N ILE B 111 -8.37 0.28 -20.59
CA ILE B 111 -7.70 1.45 -20.07
C ILE B 111 -6.30 1.48 -20.70
N PRO B 112 -5.94 2.52 -21.45
CA PRO B 112 -4.71 2.49 -22.28
C PRO B 112 -3.44 2.83 -21.49
N PHE B 113 -3.08 1.93 -20.55
CA PHE B 113 -2.00 2.22 -19.62
C PHE B 113 -0.68 2.49 -20.32
N LYS B 114 -0.46 1.87 -21.46
CA LYS B 114 0.83 2.01 -22.13
C LYS B 114 1.01 3.44 -22.64
N ASP B 115 -0.11 4.12 -22.92
CA ASP B 115 -0.13 5.51 -23.36
C ASP B 115 -0.59 6.42 -22.23
N MET B 116 -0.33 6.01 -20.99
CA MET B 116 -0.58 6.83 -19.82
C MET B 116 0.71 7.00 -19.03
N TRP B 117 0.70 7.90 -18.04
CA TRP B 117 1.81 7.97 -17.11
C TRP B 117 2.01 6.58 -16.44
N PRO B 118 3.25 6.14 -16.30
CA PRO B 118 3.45 4.74 -15.80
C PRO B 118 2.90 4.50 -14.39
N ASP B 119 2.91 5.51 -13.52
CA ASP B 119 2.42 5.33 -12.16
C ASP B 119 0.96 4.89 -12.16
N ASP B 120 0.21 5.24 -13.21
CA ASP B 120 -1.21 4.91 -13.27
C ASP B 120 -1.43 3.41 -13.09
N SER B 121 -0.60 2.58 -13.74
CA SER B 121 -0.83 1.14 -13.65
C SER B 121 -0.74 0.65 -12.22
N TYR B 122 -0.05 1.39 -11.35
CA TYR B 122 0.10 1.02 -9.95
C TYR B 122 -1.14 1.36 -9.13
N TRP B 123 -1.74 2.54 -9.34
CA TRP B 123 -2.77 2.98 -8.39
C TRP B 123 -4.20 2.90 -8.93
N PHE B 124 -4.37 2.69 -10.24
CA PHE B 124 -5.71 2.49 -10.77
C PHE B 124 -6.47 1.33 -10.13
N PRO B 125 -5.85 0.19 -9.79
CA PRO B 125 -6.63 -0.86 -9.09
C PRO B 125 -7.36 -0.34 -7.85
N LEU B 126 -6.66 0.42 -7.00
CA LEU B 126 -7.31 0.99 -5.82
C LEU B 126 -8.42 1.95 -6.22
N LEU B 127 -8.17 2.77 -7.26
CA LEU B 127 -9.22 3.62 -7.81
C LEU B 127 -10.43 2.79 -8.22
N LEU B 128 -10.20 1.69 -8.94
CA LEU B 128 -11.33 0.96 -9.51
C LEU B 128 -12.14 0.25 -8.43
N GLN B 129 -11.49 -0.14 -7.34
CA GLN B 129 -12.16 -0.76 -6.20
C GLN B 129 -12.76 0.27 -5.24
N LYS B 130 -12.74 1.55 -5.61
CA LYS B 130 -13.20 2.64 -4.76
C LYS B 130 -12.52 2.64 -3.40
N LYS B 131 -11.23 2.35 -3.40
CA LYS B 131 -10.38 2.47 -2.23
C LYS B 131 -9.61 3.79 -2.28
N LYS B 132 -9.53 4.47 -1.15
CA LYS B 132 -8.75 5.69 -1.02
C LYS B 132 -7.30 5.37 -0.73
N PHE B 133 -6.39 6.18 -1.28
CA PHE B 133 -4.99 5.81 -1.28
C PHE B 133 -4.08 7.02 -1.17
N HIS B 134 -2.90 6.78 -0.63
CA HIS B 134 -1.78 7.70 -0.66
C HIS B 134 -0.66 7.04 -1.45
N GLY B 135 -0.10 7.77 -2.39
CA GLY B 135 0.98 7.25 -3.21
C GLY B 135 2.15 8.23 -3.25
N TYR B 136 3.34 7.67 -3.46
CA TYR B 136 4.54 8.45 -3.68
C TYR B 136 5.31 7.80 -4.81
N PHE B 137 5.76 8.60 -5.79
CA PHE B 137 6.55 8.06 -6.89
C PHE B 137 7.76 8.94 -7.14
N LYS B 138 8.94 8.32 -7.25
CA LYS B 138 10.16 9.02 -7.62
C LYS B 138 10.50 8.68 -9.07
N PHE B 139 10.54 9.70 -9.93
CA PHE B 139 10.75 9.53 -11.35
C PHE B 139 12.16 9.96 -11.75
N GLN B 140 12.77 9.20 -12.65
CA GLN B 140 13.94 9.63 -13.41
C GLN B 140 13.48 9.96 -14.82
N GLY B 141 13.49 11.24 -15.18
CA GLY B 141 12.86 11.56 -16.44
C GLY B 141 11.35 11.34 -16.32
N GLN B 142 10.72 11.12 -17.48
CA GLN B 142 9.27 11.04 -17.57
C GLN B 142 8.76 9.61 -17.63
N ASP B 143 9.62 8.64 -17.86
CA ASP B 143 9.21 7.26 -18.09
C ASP B 143 9.63 6.30 -17.00
N THR B 144 10.57 6.69 -16.14
CA THR B 144 11.28 5.74 -15.29
C THR B 144 10.94 6.01 -13.84
N ILE B 145 10.29 5.05 -13.20
CA ILE B 145 10.01 5.11 -11.78
C ILE B 145 11.19 4.47 -11.03
N LEU B 146 11.88 5.27 -10.23
CA LEU B 146 12.99 4.71 -9.46
C LEU B 146 12.51 4.03 -8.19
N ASP B 147 11.54 4.62 -7.50
CA ASP B 147 10.97 3.96 -6.32
C ASP B 147 9.56 4.51 -6.09
N TYR B 148 8.81 3.81 -5.25
CA TYR B 148 7.44 4.21 -4.99
C TYR B 148 6.93 3.60 -3.69
N THR B 149 5.88 4.23 -3.15
CA THR B 149 5.08 3.63 -2.08
C THR B 149 3.61 3.85 -2.44
N LEU B 150 2.77 2.92 -2.03
CA LEU B 150 1.33 3.07 -2.24
C LEU B 150 0.61 2.38 -1.10
N ARG B 151 -0.36 3.07 -0.51
CA ARG B 151 -1.02 2.55 0.68
C ARG B 151 -2.48 2.96 0.65
N GLU B 152 -3.38 2.02 0.90
CA GLU B 152 -4.77 2.40 1.11
C GLU B 152 -4.86 3.15 2.43
N VAL B 153 -5.73 4.16 2.48
CA VAL B 153 -5.87 5.00 3.66
C VAL B 153 -7.35 5.10 4.02
N ASP B 154 -7.59 5.55 5.25
CA ASP B 154 -8.95 5.85 5.67
C ASP B 154 -9.34 7.30 5.38
N THR B 155 -8.41 8.23 5.53
CA THR B 155 -8.66 9.63 5.19
C THR B 155 -7.66 10.07 4.13
N VAL B 156 -8.14 10.69 3.06
CA VAL B 156 -7.25 11.18 2.01
C VAL B 156 -6.49 12.42 2.49
C10 CJL C . 12.61 -9.67 6.50
C13 CJL C . 9.70 -13.90 7.91
C18 CJL C . 11.77 -15.66 10.22
C17 CJL C . 8.58 -14.08 9.98
C16 CJL C . 9.82 -14.79 10.56
C14 CJL C . 10.93 -14.58 8.54
C19 CJL C . 12.11 -16.23 11.53
C21 CJL C . 12.23 -16.89 9.56
N12 CJL C . 8.91 -13.18 8.88
C02 CJL C . 8.24 -9.75 10.04
C04 CJL C . 8.93 -11.69 9.00
C05 CJL C . 9.67 -10.94 8.07
C06 CJL C . 9.63 -9.55 8.20
C08 CJL C . 11.19 -9.23 6.19
C09 CJL C . 12.36 -8.31 5.81
N01 CJL C . 7.47 -9.12 11.11
N03 CJL C . 8.23 -11.09 9.95
N07 CJL C . 10.38 -8.69 7.28
N11 CJL C . 8.92 -9.01 9.18
N15 CJL C . 10.65 -15.38 9.62
O20 CJL C . 12.56 -17.46 10.87
#